data_5Y4G
#
_entry.id   5Y4G
#
_cell.length_a   46.150
_cell.length_b   55.781
_cell.length_c   77.841
_cell.angle_alpha   105.28
_cell.angle_beta   106.59
_cell.angle_gamma   99.32
#
_symmetry.space_group_name_H-M   'P 1'
#
loop_
_entity.id
_entity.type
_entity.pdbx_description
1 polymer AmbP3
2 water water
#
_entity_poly.entity_id   1
_entity_poly.type   'polypeptide(L)'
_entity_poly.pdbx_seq_one_letter_code
;MTIVNRIRTDVVNVAKSFGAEYSEAVIDQIFQGFGEKFTNTGFAIRVQNKRNQKVDCNIRYGEAKENCLAWDIARESGLL
SDQGHPVDTLIQEMFQAIPAIAYGADFDINYGLVKIWHLPKIVPVEEAFKIPSLPKSVNAHIDFFKKYHLDALCALTVDY
RNKSTNLYFDAHHPEQRTTQFYKNILQSQQFEVPSDEVLEILVNCPEIAVTFNWSSPGIERMCFYTAFVNRETVPQHINP
VLKKFAQEAPALLDNPGFLVGWSFGPDAKKGTYIKIDVDYHGLVVPSFFHMHNLPLPIPEANSVFDLPSSDTEDKLNSIV
MSKLAAALEHHHHHH
;
_entity_poly.pdbx_strand_id   A,B
#
# COMPACT_ATOMS: atom_id res chain seq x y z
N THR A 2 -5.40 -9.86 -16.33
CA THR A 2 -4.57 -11.06 -16.19
C THR A 2 -4.22 -11.35 -14.74
N ILE A 3 -3.80 -12.59 -14.48
CA ILE A 3 -3.44 -12.96 -13.12
C ILE A 3 -2.28 -12.11 -12.62
N VAL A 4 -1.24 -11.93 -13.45
CA VAL A 4 -0.08 -11.18 -13.00
C VAL A 4 -0.46 -9.75 -12.66
N ASN A 5 -1.42 -9.16 -13.40
CA ASN A 5 -1.84 -7.79 -13.09
C ASN A 5 -2.65 -7.73 -11.80
N ARG A 6 -3.46 -8.76 -11.53
CA ARG A 6 -4.16 -8.83 -10.25
C ARG A 6 -3.17 -8.98 -9.09
N ILE A 7 -2.11 -9.77 -9.28
CA ILE A 7 -1.09 -9.89 -8.24
C ILE A 7 -0.43 -8.53 -8.00
N ARG A 8 -0.01 -7.85 -9.07
CA ARG A 8 0.63 -6.53 -8.90
CA ARG A 8 0.64 -6.54 -8.88
C ARG A 8 -0.28 -5.58 -8.13
N THR A 9 -1.54 -5.47 -8.55
CA THR A 9 -2.42 -4.51 -7.89
C THR A 9 -2.72 -4.93 -6.46
N ASP A 10 -2.84 -6.23 -6.19
CA ASP A 10 -2.97 -6.68 -4.81
C ASP A 10 -1.76 -6.27 -3.98
N VAL A 11 -0.56 -6.42 -4.52
CA VAL A 11 0.64 -6.07 -3.76
C VAL A 11 0.62 -4.58 -3.42
N VAL A 12 0.37 -3.74 -4.43
CA VAL A 12 0.30 -2.29 -4.20
C VAL A 12 -0.76 -1.95 -3.16
N ASN A 13 -1.93 -2.59 -3.26
CA ASN A 13 -3.03 -2.31 -2.34
C ASN A 13 -2.64 -2.66 -0.91
N VAL A 14 -1.93 -3.78 -0.73
CA VAL A 14 -1.44 -4.12 0.61
C VAL A 14 -0.48 -3.04 1.10
N ALA A 15 0.47 -2.65 0.25
CA ALA A 15 1.41 -1.61 0.64
C ALA A 15 0.69 -0.35 1.12
N LYS A 16 -0.28 0.12 0.33
CA LYS A 16 -0.99 1.35 0.68
C LYS A 16 -1.81 1.16 1.94
N SER A 17 -2.49 0.02 2.07
CA SER A 17 -3.34 -0.21 3.24
C SER A 17 -2.51 -0.23 4.51
N PHE A 18 -1.34 -0.86 4.48
CA PHE A 18 -0.51 -0.89 5.67
C PHE A 18 0.44 0.30 5.74
N GLY A 19 0.33 1.24 4.82
CA GLY A 19 1.26 2.36 4.83
C GLY A 19 2.71 1.94 4.70
N ALA A 20 2.97 0.81 4.06
CA ALA A 20 4.33 0.31 3.86
C ALA A 20 5.02 1.12 2.77
N GLU A 21 6.24 1.59 3.06
CA GLU A 21 7.05 2.28 2.07
C GLU A 21 7.30 1.37 0.86
N TYR A 22 7.18 1.92 -0.35
CA TYR A 22 7.39 1.12 -1.54
C TYR A 22 7.77 1.99 -2.72
N SER A 23 8.32 1.35 -3.75
CA SER A 23 8.81 2.02 -4.95
C SER A 23 8.12 1.41 -6.17
N GLU A 24 7.38 2.25 -6.91
CA GLU A 24 6.77 1.78 -8.15
C GLU A 24 7.83 1.28 -9.13
N ALA A 25 9.01 1.92 -9.13
CA ALA A 25 10.07 1.45 -10.02
C ALA A 25 10.59 0.08 -9.60
N VAL A 26 10.82 -0.10 -8.30
CA VAL A 26 11.26 -1.41 -7.82
C VAL A 26 10.22 -2.47 -8.15
N ILE A 27 8.94 -2.16 -7.91
CA ILE A 27 7.91 -3.14 -8.25
C ILE A 27 7.95 -3.46 -9.74
N ASP A 28 8.07 -2.43 -10.58
CA ASP A 28 8.22 -2.65 -12.03
C ASP A 28 9.35 -3.64 -12.34
N GLN A 29 10.52 -3.43 -11.74
CA GLN A 29 11.66 -4.27 -12.07
C GLN A 29 11.45 -5.71 -11.59
N ILE A 30 11.02 -5.85 -10.33
CA ILE A 30 10.69 -7.17 -9.81
C ILE A 30 9.73 -7.88 -10.74
N PHE A 31 8.63 -7.21 -11.10
CA PHE A 31 7.60 -7.93 -11.86
C PHE A 31 8.07 -8.23 -13.29
N GLN A 32 8.92 -7.38 -13.86
CA GLN A 32 9.46 -7.69 -15.18
C GLN A 32 10.29 -8.97 -15.13
N GLY A 33 11.05 -9.17 -14.06
CA GLY A 33 11.80 -10.42 -13.95
C GLY A 33 10.97 -11.64 -13.54
N PHE A 34 10.07 -11.46 -12.58
CA PHE A 34 9.53 -12.55 -11.79
C PHE A 34 8.01 -12.67 -11.86
N GLY A 35 7.33 -11.77 -12.57
CA GLY A 35 5.88 -11.79 -12.60
C GLY A 35 5.30 -13.15 -12.90
N GLU A 36 5.81 -13.80 -13.96
CA GLU A 36 5.28 -15.12 -14.32
C GLU A 36 5.53 -16.14 -13.22
N LYS A 37 6.68 -16.05 -12.54
CA LYS A 37 6.89 -16.92 -11.40
C LYS A 37 5.82 -16.67 -10.35
N PHE A 38 5.48 -15.41 -10.10
CA PHE A 38 4.47 -15.11 -9.09
C PHE A 38 3.14 -15.72 -9.47
N THR A 39 2.81 -15.74 -10.76
CA THR A 39 1.51 -16.31 -11.14
C THR A 39 1.48 -17.81 -10.93
N ASN A 40 2.57 -18.52 -11.26
CA ASN A 40 2.49 -19.98 -11.41
C ASN A 40 3.18 -20.80 -10.32
N THR A 41 3.63 -20.21 -9.22
CA THR A 41 4.37 -20.99 -8.23
C THR A 41 3.89 -20.60 -6.83
N GLY A 42 4.70 -20.91 -5.82
CA GLY A 42 4.33 -20.65 -4.44
C GLY A 42 4.53 -19.23 -3.98
N PHE A 43 3.67 -18.33 -4.47
CA PHE A 43 3.75 -16.91 -4.18
C PHE A 43 3.14 -16.60 -2.83
N ALA A 44 3.76 -15.65 -2.13
CA ALA A 44 3.22 -15.17 -0.86
C ALA A 44 3.52 -13.68 -0.73
N ILE A 45 2.61 -12.98 -0.04
CA ILE A 45 2.79 -11.59 0.33
C ILE A 45 3.01 -11.54 1.84
N ARG A 46 4.03 -10.82 2.26
CA ARG A 46 4.42 -10.74 3.66
C ARG A 46 4.35 -9.29 4.12
N VAL A 47 3.85 -9.11 5.34
CA VAL A 47 4.05 -7.86 6.07
C VAL A 47 4.76 -8.20 7.37
N GLN A 48 5.54 -7.24 7.85
CA GLN A 48 6.23 -7.41 9.12
C GLN A 48 6.32 -6.04 9.81
N ASN A 49 6.43 -6.07 11.12
CA ASN A 49 6.58 -4.84 11.89
C ASN A 49 8.02 -4.69 12.41
N LYS A 50 9.00 -4.98 11.54
CA LYS A 50 10.41 -4.93 11.94
C LYS A 50 10.85 -3.52 12.31
N ARG A 51 10.48 -2.53 11.50
CA ARG A 51 10.66 -1.15 11.90
C ARG A 51 9.61 -0.78 12.94
N ASN A 52 10.04 -0.09 14.00
CA ASN A 52 9.12 0.26 15.08
C ASN A 52 8.16 1.35 14.60
N GLN A 53 6.86 1.11 14.78
CA GLN A 53 5.81 2.01 14.29
C GLN A 53 5.88 2.15 12.77
N LYS A 54 6.07 1.03 12.08
CA LYS A 54 6.05 0.99 10.63
C LYS A 54 5.83 -0.46 10.20
N VAL A 55 5.19 -0.64 9.06
CA VAL A 55 5.00 -1.95 8.46
C VAL A 55 5.84 -1.99 7.18
N ASP A 56 6.58 -3.08 7.00
CA ASP A 56 7.30 -3.34 5.76
C ASP A 56 6.65 -4.49 5.01
N CYS A 57 6.73 -4.43 3.69
CA CYS A 57 6.06 -5.41 2.84
C CYS A 57 7.10 -6.06 1.94
N ASN A 58 7.06 -7.38 1.89
CA ASN A 58 8.02 -8.18 1.14
C ASN A 58 7.22 -9.24 0.38
N ILE A 59 7.56 -9.48 -0.87
CA ILE A 59 6.84 -10.48 -1.65
C ILE A 59 7.82 -11.59 -2.03
N ARG A 60 7.31 -12.82 -2.13
CA ARG A 60 8.23 -13.96 -2.20
C ARG A 60 7.62 -15.09 -3.04
N TYR A 61 8.46 -16.02 -3.48
CA TYR A 61 7.94 -17.22 -4.11
C TYR A 61 8.90 -18.37 -3.92
N GLY A 62 8.36 -19.57 -3.87
CA GLY A 62 9.15 -20.79 -3.94
C GLY A 62 8.68 -21.62 -5.12
N GLU A 63 9.59 -22.41 -5.71
CA GLU A 63 9.17 -23.38 -6.71
C GLU A 63 10.10 -24.58 -6.70
N ALA A 64 9.55 -25.71 -7.15
CA ALA A 64 10.19 -27.02 -6.99
C ALA A 64 11.08 -27.31 -8.21
N LYS A 65 12.19 -26.60 -8.26
CA LYS A 65 13.19 -26.78 -9.28
C LYS A 65 14.52 -26.95 -8.57
N GLU A 66 15.39 -27.78 -9.14
CA GLU A 66 16.62 -28.12 -8.44
C GLU A 66 17.74 -27.13 -8.69
N ASN A 67 17.58 -26.20 -9.63
CA ASN A 67 18.57 -25.18 -9.89
C ASN A 67 18.04 -23.82 -9.48
N CYS A 68 18.96 -22.94 -9.07
CA CYS A 68 18.60 -21.63 -8.53
C CYS A 68 18.25 -20.69 -9.68
N LEU A 69 17.03 -20.88 -10.24
CA LEU A 69 16.61 -20.04 -11.36
C LEU A 69 16.48 -18.56 -10.95
N ALA A 70 16.12 -18.29 -9.70
CA ALA A 70 16.02 -16.91 -9.25
C ALA A 70 17.34 -16.17 -9.44
N TRP A 71 18.47 -16.84 -9.24
CA TRP A 71 19.75 -16.16 -9.39
C TRP A 71 19.94 -15.68 -10.83
N ASP A 72 19.73 -16.56 -11.80
CA ASP A 72 19.81 -16.18 -13.20
C ASP A 72 18.87 -15.00 -13.50
N ILE A 73 17.63 -15.08 -13.02
CA ILE A 73 16.66 -14.04 -13.36
C ILE A 73 17.06 -12.71 -12.75
N ALA A 74 17.48 -12.73 -11.49
CA ALA A 74 17.85 -11.48 -10.82
C ALA A 74 19.10 -10.87 -11.45
N ARG A 75 20.10 -11.69 -11.74
CA ARG A 75 21.29 -11.16 -12.40
C ARG A 75 20.92 -10.55 -13.74
N GLU A 76 20.07 -11.23 -14.50
CA GLU A 76 19.73 -10.75 -15.83
C GLU A 76 18.91 -9.46 -15.79
N SER A 77 18.03 -9.32 -14.80
CA SER A 77 17.16 -8.15 -14.72
C SER A 77 17.78 -6.97 -13.97
N GLY A 78 19.07 -7.06 -13.62
CA GLY A 78 19.72 -6.02 -12.84
C GLY A 78 19.31 -5.91 -11.38
N LEU A 79 18.58 -6.89 -10.84
CA LEU A 79 18.21 -6.86 -9.42
C LEU A 79 19.32 -7.39 -8.51
N LEU A 80 20.33 -8.05 -9.07
CA LEU A 80 21.44 -8.57 -8.29
C LEU A 80 22.71 -8.41 -9.10
N SER A 81 23.68 -7.75 -8.49
CA SER A 81 24.97 -7.51 -9.10
C SER A 81 26.00 -7.89 -8.08
N ASP A 82 27.24 -8.04 -8.53
CA ASP A 82 28.31 -8.36 -7.60
C ASP A 82 28.38 -7.25 -6.55
N GLN A 83 28.70 -7.62 -5.32
CA GLN A 83 28.79 -6.61 -4.28
C GLN A 83 30.16 -6.57 -3.65
N GLY A 84 31.13 -7.32 -4.20
CA GLY A 84 32.44 -7.46 -3.59
C GLY A 84 32.38 -7.96 -2.16
N HIS A 85 31.77 -9.12 -1.93
CA HIS A 85 31.45 -9.59 -0.59
C HIS A 85 31.31 -11.10 -0.65
N PRO A 86 31.53 -11.79 0.45
CA PRO A 86 31.29 -13.25 0.48
C PRO A 86 29.94 -13.73 -0.03
N VAL A 87 28.89 -12.89 0.00
CA VAL A 87 27.58 -13.33 -0.49
C VAL A 87 27.58 -13.54 -2.01
N ASP A 88 28.50 -12.92 -2.75
CA ASP A 88 28.47 -12.98 -4.21
C ASP A 88 28.43 -14.41 -4.72
N THR A 89 29.11 -15.32 -4.04
CA THR A 89 29.16 -16.71 -4.48
C THR A 89 28.42 -17.64 -3.55
N LEU A 90 27.88 -17.15 -2.43
CA LEU A 90 27.44 -18.10 -1.40
C LEU A 90 26.33 -19.02 -1.92
N ILE A 91 25.32 -18.45 -2.57
CA ILE A 91 24.21 -19.29 -3.04
C ILE A 91 24.73 -20.32 -4.04
N GLN A 92 25.66 -19.93 -4.92
CA GLN A 92 26.23 -20.91 -5.84
C GLN A 92 26.89 -22.04 -5.07
N GLU A 93 27.74 -21.70 -4.08
CA GLU A 93 28.37 -22.74 -3.28
C GLU A 93 27.32 -23.62 -2.62
N MET A 94 26.21 -23.02 -2.17
CA MET A 94 25.17 -23.81 -1.52
C MET A 94 24.61 -24.86 -2.47
N PHE A 95 24.22 -24.44 -3.68
CA PHE A 95 23.68 -25.44 -4.58
C PHE A 95 24.75 -26.43 -5.01
N GLN A 96 26.02 -26.02 -4.95
CA GLN A 96 27.09 -26.95 -5.26
C GLN A 96 27.31 -27.93 -4.13
N ALA A 97 27.11 -27.50 -2.88
CA ALA A 97 27.43 -28.37 -1.76
C ALA A 97 26.33 -29.37 -1.50
N ILE A 98 25.08 -28.95 -1.57
CA ILE A 98 23.94 -29.75 -1.14
C ILE A 98 22.93 -29.77 -2.28
N PRO A 99 22.47 -30.94 -2.72
CA PRO A 99 21.45 -30.97 -3.77
C PRO A 99 20.16 -30.32 -3.28
N ALA A 100 19.58 -29.48 -4.13
CA ALA A 100 18.35 -28.78 -3.80
C ALA A 100 17.15 -29.46 -4.43
N ILE A 101 16.04 -29.54 -3.70
CA ILE A 101 14.77 -29.95 -4.30
C ILE A 101 13.84 -28.78 -4.59
N ALA A 102 14.14 -27.59 -4.09
CA ALA A 102 13.38 -26.41 -4.46
C ALA A 102 14.26 -25.18 -4.21
N TYR A 103 13.78 -24.03 -4.69
CA TYR A 103 14.45 -22.76 -4.43
C TYR A 103 13.40 -21.68 -4.26
N GLY A 104 13.84 -20.49 -3.88
CA GLY A 104 12.90 -19.38 -3.74
C GLY A 104 13.64 -18.06 -3.73
N ALA A 105 12.85 -16.98 -3.65
CA ALA A 105 13.43 -15.64 -3.52
C ALA A 105 12.39 -14.74 -2.85
N ASP A 106 12.89 -13.68 -2.19
CA ASP A 106 12.01 -12.69 -1.61
C ASP A 106 12.57 -11.29 -1.89
N PHE A 107 11.65 -10.33 -1.87
CA PHE A 107 11.90 -8.98 -2.41
C PHE A 107 11.24 -7.98 -1.48
N ASP A 108 11.99 -7.02 -1.00
CA ASP A 108 11.37 -5.87 -0.35
CA ASP A 108 11.38 -5.87 -0.34
C ASP A 108 10.89 -4.92 -1.42
N ILE A 109 9.61 -4.55 -1.36
CA ILE A 109 9.05 -3.71 -2.41
C ILE A 109 9.58 -2.28 -2.35
N ASN A 110 10.39 -1.96 -1.34
CA ASN A 110 11.04 -0.65 -1.30
C ASN A 110 12.50 -0.68 -1.75
N TYR A 111 12.99 -1.82 -2.22
CA TYR A 111 14.42 -2.05 -2.40
C TYR A 111 14.73 -2.93 -3.60
N GLY A 112 14.16 -4.12 -3.63
CA GLY A 112 14.47 -5.09 -4.68
C GLY A 112 14.67 -6.47 -4.08
N LEU A 113 15.47 -7.30 -4.74
CA LEU A 113 15.77 -8.63 -4.24
C LEU A 113 16.51 -8.55 -2.91
N VAL A 114 16.06 -9.35 -1.95
CA VAL A 114 16.65 -9.38 -0.62
C VAL A 114 17.35 -10.71 -0.34
N LYS A 115 16.61 -11.82 -0.38
CA LYS A 115 17.20 -13.13 -0.16
C LYS A 115 16.89 -14.06 -1.32
N ILE A 116 17.75 -15.07 -1.46
CA ILE A 116 17.50 -16.23 -2.30
C ILE A 116 17.60 -17.44 -1.39
N TRP A 117 16.76 -18.45 -1.66
CA TRP A 117 16.64 -19.61 -0.80
C TRP A 117 17.07 -20.88 -1.53
N HIS A 118 17.60 -21.79 -0.73
CA HIS A 118 18.03 -23.11 -1.16
C HIS A 118 17.28 -24.10 -0.28
N LEU A 119 16.55 -25.02 -0.89
CA LEU A 119 15.75 -26.00 -0.15
C LEU A 119 16.18 -27.41 -0.52
N PRO A 120 16.92 -28.09 0.33
CA PRO A 120 17.23 -29.50 0.10
C PRO A 120 16.18 -30.40 0.75
N LYS A 121 16.30 -31.69 0.48
CA LYS A 121 15.73 -32.65 1.42
C LYS A 121 16.39 -32.42 2.77
N ILE A 122 15.66 -32.68 3.84
CA ILE A 122 16.23 -32.50 5.18
C ILE A 122 17.54 -33.27 5.27
N VAL A 123 18.61 -32.58 5.65
CA VAL A 123 19.93 -33.21 5.70
C VAL A 123 20.55 -32.93 7.05
N PRO A 124 21.54 -33.73 7.46
CA PRO A 124 22.30 -33.39 8.66
C PRO A 124 22.97 -32.02 8.51
N VAL A 125 22.96 -31.23 9.59
CA VAL A 125 23.46 -29.87 9.53
C VAL A 125 24.94 -29.82 9.13
N GLU A 126 25.69 -30.89 9.42
CA GLU A 126 27.12 -30.94 9.10
C GLU A 126 27.38 -30.78 7.60
N GLU A 127 26.41 -31.14 6.75
CA GLU A 127 26.61 -30.96 5.32
C GLU A 127 26.77 -29.49 4.96
N ALA A 128 26.31 -28.60 5.83
CA ALA A 128 26.49 -27.18 5.58
C ALA A 128 27.93 -26.75 5.84
N PHE A 129 28.65 -27.44 6.73
CA PHE A 129 29.89 -26.85 7.25
C PHE A 129 31.00 -26.73 6.22
N LYS A 130 30.90 -27.42 5.10
CA LYS A 130 31.96 -27.35 4.10
C LYS A 130 31.82 -26.16 3.17
N ILE A 131 30.66 -25.50 3.18
CA ILE A 131 30.41 -24.38 2.29
C ILE A 131 31.44 -23.29 2.55
N PRO A 132 32.28 -22.97 1.57
CA PRO A 132 33.47 -22.14 1.86
C PRO A 132 33.16 -20.74 2.38
N SER A 133 32.23 -20.02 1.76
CA SER A 133 32.06 -18.62 2.11
C SER A 133 31.09 -18.41 3.26
N LEU A 134 30.71 -19.46 3.98
CA LEU A 134 29.87 -19.29 5.14
C LEU A 134 30.59 -18.43 6.18
N PRO A 135 29.85 -17.61 6.94
CA PRO A 135 30.47 -16.90 8.06
C PRO A 135 31.14 -17.87 9.02
N LYS A 136 32.30 -17.46 9.54
CA LYS A 136 33.05 -18.25 10.50
C LYS A 136 32.19 -18.66 11.71
N SER A 137 31.25 -17.80 12.10
CA SER A 137 30.40 -18.09 13.26
C SER A 137 29.53 -19.34 13.09
N VAL A 138 29.23 -19.75 11.86
CA VAL A 138 28.38 -20.93 11.67
C VAL A 138 29.08 -22.16 12.23
N ASN A 139 30.25 -22.49 11.69
CA ASN A 139 31.00 -23.61 12.23
C ASN A 139 31.39 -23.37 13.68
N ALA A 140 31.57 -22.11 14.07
CA ALA A 140 31.80 -21.86 15.50
C ALA A 140 30.63 -22.30 16.36
N HIS A 141 29.41 -22.41 15.81
CA HIS A 141 28.27 -22.75 16.64
C HIS A 141 27.89 -24.25 16.60
N ILE A 142 28.84 -25.14 16.32
CA ILE A 142 28.52 -26.58 16.26
C ILE A 142 27.95 -27.08 17.58
N ASP A 143 28.53 -26.65 18.70
CA ASP A 143 28.06 -27.15 20.00
C ASP A 143 26.70 -26.59 20.34
N PHE A 144 26.47 -25.32 20.03
CA PHE A 144 25.14 -24.74 20.17
C PHE A 144 24.12 -25.53 19.36
N PHE A 145 24.42 -25.82 18.09
CA PHE A 145 23.48 -26.62 17.27
C PHE A 145 23.15 -27.94 17.95
N LYS A 146 24.18 -28.63 18.45
CA LYS A 146 23.93 -29.92 19.09
C LYS A 146 23.11 -29.76 20.36
N LYS A 147 23.41 -28.74 21.16
CA LYS A 147 22.71 -28.54 22.42
C LYS A 147 21.23 -28.32 22.20
N TYR A 148 20.86 -27.50 21.21
CA TYR A 148 19.46 -27.16 20.98
C TYR A 148 18.81 -28.03 19.89
N HIS A 149 19.40 -29.19 19.58
CA HIS A 149 18.82 -30.19 18.66
C HIS A 149 18.51 -29.56 17.31
N LEU A 150 19.45 -28.74 16.84
CA LEU A 150 19.39 -28.17 15.51
C LEU A 150 20.29 -29.05 14.64
N ASP A 151 19.74 -30.21 14.26
CA ASP A 151 20.45 -31.20 13.47
C ASP A 151 19.81 -31.48 12.13
N ALA A 152 18.55 -31.14 11.93
CA ALA A 152 17.83 -31.47 10.71
C ALA A 152 17.66 -30.20 9.88
N LEU A 153 18.63 -29.96 9.00
CA LEU A 153 18.69 -28.73 8.20
C LEU A 153 17.69 -28.81 7.06
N CYS A 154 16.74 -27.89 7.02
CA CYS A 154 15.70 -27.91 6.01
C CYS A 154 15.75 -26.72 5.07
N ALA A 155 16.59 -25.72 5.33
CA ALA A 155 16.76 -24.71 4.28
C ALA A 155 17.99 -23.87 4.57
N LEU A 156 18.43 -23.14 3.53
CA LEU A 156 19.51 -22.18 3.64
C LEU A 156 19.09 -20.93 2.89
N THR A 157 19.38 -19.74 3.43
CA THR A 157 19.14 -18.54 2.63
C THR A 157 20.34 -17.62 2.69
N VAL A 158 20.47 -16.82 1.63
CA VAL A 158 21.46 -15.75 1.51
C VAL A 158 20.69 -14.44 1.43
N ASP A 159 21.03 -13.49 2.33
CA ASP A 159 20.41 -12.16 2.38
C ASP A 159 21.45 -11.16 1.90
N TYR A 160 21.30 -10.76 0.63
CA TYR A 160 22.24 -9.86 -0.04
C TYR A 160 22.20 -8.45 0.51
N ARG A 161 21.04 -8.00 0.98
CA ARG A 161 20.95 -6.64 1.51
C ARG A 161 21.54 -6.57 2.91
N ASN A 162 21.13 -7.49 3.78
CA ASN A 162 21.57 -7.45 5.16
C ASN A 162 22.97 -8.04 5.31
N LYS A 163 23.49 -8.68 4.28
CA LYS A 163 24.79 -9.35 4.32
C LYS A 163 24.79 -10.39 5.44
N SER A 164 23.84 -11.30 5.35
CA SER A 164 23.72 -12.36 6.37
C SER A 164 23.26 -13.63 5.70
N THR A 165 23.32 -14.74 6.45
CA THR A 165 22.81 -16.00 5.94
C THR A 165 22.05 -16.71 7.06
N ASN A 166 21.01 -17.45 6.67
CA ASN A 166 20.16 -18.19 7.61
C ASN A 166 20.30 -19.70 7.39
N LEU A 167 20.36 -20.44 8.49
CA LEU A 167 20.14 -21.88 8.47
C LEU A 167 18.76 -22.16 9.06
N TYR A 168 17.98 -22.98 8.38
CA TYR A 168 16.65 -23.35 8.85
C TYR A 168 16.63 -24.84 9.23
N PHE A 169 16.02 -25.11 10.38
CA PHE A 169 15.98 -26.45 10.97
C PHE A 169 14.54 -26.90 11.19
N ASP A 170 14.31 -28.18 10.92
CA ASP A 170 13.05 -28.83 11.27
C ASP A 170 13.04 -29.11 12.77
N ALA A 171 12.09 -28.50 13.48
CA ALA A 171 12.06 -28.61 14.94
C ALA A 171 11.31 -29.88 15.35
N HIS A 172 11.98 -31.02 15.16
CA HIS A 172 11.36 -32.33 15.35
C HIS A 172 11.55 -32.93 16.74
N HIS A 173 12.44 -32.35 17.57
CA HIS A 173 12.86 -33.01 18.81
C HIS A 173 11.85 -32.79 19.94
N PRO A 174 11.67 -33.79 20.81
CA PRO A 174 10.71 -33.65 21.92
C PRO A 174 10.97 -32.46 22.80
N GLU A 175 12.23 -32.10 23.04
CA GLU A 175 12.51 -30.90 23.83
C GLU A 175 11.93 -29.64 23.19
N GLN A 176 11.88 -29.59 21.86
CA GLN A 176 11.33 -28.43 21.16
C GLN A 176 9.82 -28.32 21.34
N ARG A 177 9.18 -29.30 21.99
CA ARG A 177 7.78 -29.20 22.37
C ARG A 177 7.57 -28.58 23.76
N THR A 178 8.64 -28.18 24.45
CA THR A 178 8.52 -27.59 25.77
C THR A 178 8.80 -26.10 25.71
N THR A 179 8.06 -25.32 26.49
CA THR A 179 8.33 -23.88 26.55
C THR A 179 9.74 -23.60 27.10
N GLN A 180 10.24 -24.50 27.95
CA GLN A 180 11.55 -24.28 28.54
C GLN A 180 12.64 -24.21 27.48
N PHE A 181 12.50 -25.00 26.41
CA PHE A 181 13.46 -24.96 25.32
C PHE A 181 13.60 -23.56 24.75
N TYR A 182 12.47 -22.90 24.50
CA TYR A 182 12.52 -21.58 23.86
C TYR A 182 13.02 -20.54 24.85
N LYS A 183 12.61 -20.64 26.11
CA LYS A 183 13.21 -19.78 27.14
C LYS A 183 14.74 -19.90 27.13
N ASN A 184 15.25 -21.14 27.08
CA ASN A 184 16.69 -21.37 27.19
C ASN A 184 17.41 -20.85 25.95
N ILE A 185 16.90 -21.16 24.77
CA ILE A 185 17.63 -20.78 23.57
C ILE A 185 17.63 -19.26 23.42
N LEU A 186 16.52 -18.60 23.77
CA LEU A 186 16.49 -17.14 23.73
C LEU A 186 17.41 -16.55 24.78
N GLN A 187 17.34 -17.07 26.01
CA GLN A 187 18.23 -16.55 27.06
C GLN A 187 19.70 -16.76 26.71
N SER A 188 20.02 -17.82 25.98
CA SER A 188 21.41 -18.10 25.64
C SER A 188 22.01 -17.05 24.71
N GLN A 189 21.17 -16.26 24.04
CA GLN A 189 21.65 -15.17 23.19
C GLN A 189 21.31 -13.80 23.76
N GLN A 190 20.77 -13.74 24.98
CA GLN A 190 20.37 -12.46 25.59
C GLN A 190 19.30 -11.77 24.74
N PHE A 191 18.35 -12.55 24.23
CA PHE A 191 17.16 -12.05 23.56
C PHE A 191 16.01 -12.10 24.55
N GLU A 192 15.09 -11.15 24.42
CA GLU A 192 14.00 -11.03 25.37
C GLU A 192 13.05 -12.22 25.28
N VAL A 193 12.76 -12.84 26.41
CA VAL A 193 11.85 -13.98 26.42
C VAL A 193 10.41 -13.47 26.33
N PRO A 194 9.61 -13.94 25.37
CA PRO A 194 8.26 -13.40 25.21
C PRO A 194 7.26 -13.90 26.27
N SER A 195 5.99 -13.54 26.10
CA SER A 195 4.95 -13.92 27.04
C SER A 195 4.73 -15.43 27.04
N ASP A 196 4.14 -15.92 28.14
CA ASP A 196 3.75 -17.32 28.23
C ASP A 196 2.85 -17.70 27.06
N GLU A 197 1.92 -16.82 26.70
CA GLU A 197 1.05 -17.07 25.55
C GLU A 197 1.87 -17.34 24.28
N VAL A 198 2.81 -16.45 23.98
CA VAL A 198 3.67 -16.64 22.82
C VAL A 198 4.47 -17.93 22.96
N LEU A 199 5.09 -18.16 24.12
CA LEU A 199 5.81 -19.42 24.32
C LEU A 199 4.95 -20.64 23.96
N GLU A 200 3.69 -20.62 24.41
CA GLU A 200 2.77 -21.71 24.10
C GLU A 200 2.50 -21.81 22.60
N ILE A 201 2.68 -20.71 21.86
CA ILE A 201 2.65 -20.82 20.40
C ILE A 201 3.97 -21.38 19.85
N LEU A 202 5.11 -20.97 20.44
CA LEU A 202 6.39 -21.42 19.94
C LEU A 202 6.52 -22.94 20.00
N VAL A 203 5.96 -23.58 21.03
CA VAL A 203 6.15 -25.04 21.11
C VAL A 203 5.57 -25.77 19.92
N ASN A 204 4.69 -25.13 19.15
CA ASN A 204 4.13 -25.79 17.97
C ASN A 204 4.90 -25.47 16.70
N CYS A 205 5.90 -24.61 16.78
CA CYS A 205 6.59 -24.13 15.59
C CYS A 205 7.45 -25.25 15.01
N PRO A 206 7.25 -25.64 13.75
CA PRO A 206 8.07 -26.70 13.15
C PRO A 206 9.35 -26.23 12.49
N GLU A 207 9.60 -24.92 12.40
CA GLU A 207 10.78 -24.42 11.70
C GLU A 207 11.47 -23.34 12.52
N ILE A 208 12.80 -23.46 12.65
CA ILE A 208 13.62 -22.53 13.41
C ILE A 208 14.72 -21.99 12.49
N ALA A 209 14.83 -20.68 12.39
CA ALA A 209 15.79 -20.00 11.52
C ALA A 209 16.82 -19.29 12.39
N VAL A 210 18.09 -19.49 12.08
CA VAL A 210 19.18 -18.91 12.86
C VAL A 210 20.05 -18.12 11.90
N THR A 211 20.24 -16.83 12.22
CA THR A 211 20.90 -15.86 11.34
C THR A 211 22.33 -15.60 11.80
N PHE A 212 23.27 -15.71 10.87
CA PHE A 212 24.68 -15.44 11.08
C PHE A 212 25.14 -14.37 10.09
N ASN A 213 26.25 -13.72 10.41
CA ASN A 213 26.77 -12.67 9.54
C ASN A 213 28.29 -12.67 9.62
N TRP A 214 28.90 -11.74 8.88
CA TRP A 214 30.35 -11.68 8.74
C TRP A 214 30.95 -10.56 9.56
N SER A 215 30.19 -9.94 10.45
CA SER A 215 30.68 -8.80 11.22
C SER A 215 30.78 -9.09 12.71
N SER A 216 30.42 -10.31 13.14
CA SER A 216 30.36 -10.61 14.56
C SER A 216 30.43 -12.12 14.74
N PRO A 217 30.88 -12.59 15.90
CA PRO A 217 30.89 -14.02 16.17
C PRO A 217 29.55 -14.58 16.61
N GLY A 218 28.55 -13.72 16.90
CA GLY A 218 27.34 -14.16 17.56
C GLY A 218 26.19 -14.39 16.59
N ILE A 219 25.16 -15.07 17.10
CA ILE A 219 23.89 -15.21 16.38
C ILE A 219 23.22 -13.84 16.29
N GLU A 220 22.83 -13.44 15.08
CA GLU A 220 22.23 -12.12 14.88
C GLU A 220 20.76 -12.09 15.26
N ARG A 221 20.06 -13.21 15.06
CA ARG A 221 18.61 -13.26 15.11
C ARG A 221 18.19 -14.72 15.06
N MET A 222 17.04 -15.01 15.64
CA MET A 222 16.41 -16.32 15.55
C MET A 222 14.92 -16.13 15.31
N CYS A 223 14.34 -16.94 14.43
CA CYS A 223 12.93 -16.79 14.08
C CYS A 223 12.27 -18.16 14.17
N PHE A 224 11.07 -18.19 14.74
CA PHE A 224 10.29 -19.42 14.90
C PHE A 224 9.03 -19.31 14.05
N TYR A 225 8.87 -20.25 13.12
CA TYR A 225 7.81 -20.21 12.14
C TYR A 225 6.72 -21.20 12.52
N THR A 226 5.47 -20.81 12.31
CA THR A 226 4.36 -21.77 12.38
C THR A 226 3.31 -21.33 11.38
N ALA A 227 2.49 -22.28 10.93
CA ALA A 227 1.47 -21.99 9.94
C ALA A 227 0.09 -22.21 10.54
N PHE A 228 -0.89 -21.57 9.92
CA PHE A 228 -2.31 -21.61 10.29
C PHE A 228 -3.12 -21.83 9.04
N VAL A 229 -4.08 -22.76 9.12
CA VAL A 229 -4.79 -23.18 7.90
C VAL A 229 -5.76 -22.12 7.39
N ASN A 230 -6.17 -21.17 8.22
CA ASN A 230 -7.09 -20.13 7.76
C ASN A 230 -6.93 -18.88 8.60
N ARG A 231 -7.64 -17.82 8.19
CA ARG A 231 -7.59 -16.53 8.90
C ARG A 231 -8.00 -16.68 10.35
N GLU A 232 -9.02 -17.50 10.61
CA GLU A 232 -9.58 -17.61 11.96
C GLU A 232 -8.53 -18.09 12.96
N THR A 233 -7.74 -19.10 12.58
CA THR A 233 -6.81 -19.68 13.54
C THR A 233 -5.52 -18.87 13.67
N VAL A 234 -5.38 -17.76 12.98
CA VAL A 234 -4.23 -16.88 13.27
C VAL A 234 -4.44 -16.23 14.64
N PRO A 235 -3.43 -16.18 15.50
CA PRO A 235 -3.61 -15.52 16.80
C PRO A 235 -3.75 -14.01 16.69
N GLN A 236 -4.89 -13.57 16.15
CA GLN A 236 -5.06 -12.18 15.78
C GLN A 236 -4.98 -11.23 16.95
N HIS A 237 -5.24 -11.72 18.16
CA HIS A 237 -5.25 -10.87 19.36
C HIS A 237 -3.85 -10.48 19.83
N ILE A 238 -2.80 -11.11 19.31
CA ILE A 238 -1.46 -10.87 19.82
C ILE A 238 -0.87 -9.57 19.29
N ASN A 239 -1.18 -9.19 18.06
CA ASN A 239 -0.61 -7.99 17.48
C ASN A 239 -1.58 -7.38 16.49
N PRO A 240 -1.71 -6.05 16.44
CA PRO A 240 -2.66 -5.44 15.48
C PRO A 240 -2.41 -5.86 14.04
N VAL A 241 -1.13 -6.02 13.66
CA VAL A 241 -0.79 -6.36 12.29
C VAL A 241 -1.26 -7.78 11.96
N LEU A 242 -1.04 -8.72 12.87
CA LEU A 242 -1.54 -10.07 12.67
C LEU A 242 -3.04 -10.06 12.38
N LYS A 243 -3.79 -9.29 13.17
CA LYS A 243 -5.23 -9.20 12.97
C LYS A 243 -5.56 -8.60 11.61
N LYS A 244 -5.07 -7.40 11.35
CA LYS A 244 -5.46 -6.73 10.12
C LYS A 244 -5.11 -7.56 8.90
N PHE A 245 -3.88 -8.08 8.84
CA PHE A 245 -3.46 -8.85 7.67
C PHE A 245 -4.23 -10.15 7.55
N ALA A 246 -4.40 -10.86 8.67
CA ALA A 246 -5.21 -12.07 8.65
C ALA A 246 -6.59 -11.79 8.05
N GLN A 247 -7.20 -10.71 8.48
CA GLN A 247 -8.58 -10.44 8.06
C GLN A 247 -8.65 -9.87 6.64
N GLU A 248 -7.59 -9.21 6.17
CA GLU A 248 -7.67 -8.36 4.98
C GLU A 248 -6.67 -8.71 3.88
N ALA A 249 -5.76 -9.64 4.10
CA ALA A 249 -4.78 -9.97 3.07
C ALA A 249 -5.47 -10.52 1.81
N PRO A 250 -5.04 -10.13 0.62
CA PRO A 250 -5.62 -10.68 -0.60
C PRO A 250 -5.10 -12.07 -0.91
N ALA A 251 -5.90 -12.82 -1.68
CA ALA A 251 -5.50 -14.12 -2.21
C ALA A 251 -6.54 -14.56 -3.23
N LEU A 252 -6.14 -15.51 -4.08
CA LEU A 252 -7.08 -16.04 -5.07
C LEU A 252 -8.20 -16.80 -4.37
N LEU A 253 -7.86 -17.73 -3.50
CA LEU A 253 -8.88 -18.50 -2.79
C LEU A 253 -9.50 -17.64 -1.69
N ASP A 254 -10.66 -18.09 -1.19
CA ASP A 254 -11.43 -17.27 -0.27
C ASP A 254 -10.85 -17.30 1.15
N ASN A 255 -10.60 -18.50 1.69
CA ASN A 255 -10.00 -18.54 3.01
C ASN A 255 -8.58 -19.09 2.94
N PRO A 256 -7.61 -18.24 2.60
CA PRO A 256 -6.22 -18.70 2.51
C PRO A 256 -5.64 -18.97 3.89
N GLY A 257 -4.61 -19.82 3.90
CA GLY A 257 -3.81 -20.02 5.10
C GLY A 257 -2.75 -18.94 5.21
N PHE A 258 -2.03 -18.96 6.35
CA PHE A 258 -1.01 -17.95 6.66
C PHE A 258 0.16 -18.63 7.33
N LEU A 259 1.34 -18.03 7.17
CA LEU A 259 2.54 -18.42 7.89
C LEU A 259 2.97 -17.26 8.77
N VAL A 260 3.22 -17.52 10.03
CA VAL A 260 3.64 -16.49 10.97
C VAL A 260 5.02 -16.84 11.50
N GLY A 261 5.93 -15.89 11.42
CA GLY A 261 7.25 -16.00 12.01
C GLY A 261 7.37 -15.03 13.18
N TRP A 262 7.95 -15.50 14.27
CA TRP A 262 8.20 -14.72 15.46
C TRP A 262 9.71 -14.55 15.53
N SER A 263 10.16 -13.33 15.30
CA SER A 263 11.58 -13.01 15.18
C SER A 263 12.10 -12.35 16.45
N PHE A 264 13.28 -12.80 16.89
CA PHE A 264 13.91 -12.39 18.14
C PHE A 264 15.36 -12.02 17.90
N GLY A 265 15.77 -10.88 18.44
CA GLY A 265 17.14 -10.44 18.42
C GLY A 265 17.40 -9.52 19.61
N PRO A 266 18.56 -8.86 19.65
CA PRO A 266 18.85 -7.95 20.78
C PRO A 266 17.83 -6.81 20.87
N ASP A 267 17.41 -6.53 22.11
CA ASP A 267 16.47 -5.44 22.36
C ASP A 267 17.08 -4.08 22.01
N ALA A 268 18.37 -3.91 22.24
CA ALA A 268 19.02 -2.64 21.92
C ALA A 268 19.13 -2.42 20.42
N LYS A 269 18.83 -3.42 19.60
CA LYS A 269 18.87 -3.32 18.15
C LYS A 269 17.44 -3.36 17.62
N LYS A 270 17.11 -4.17 16.61
CA LYS A 270 15.75 -4.20 16.10
C LYS A 270 14.79 -4.94 17.04
N GLY A 271 15.30 -5.79 17.92
CA GLY A 271 14.43 -6.40 18.91
C GLY A 271 13.51 -7.45 18.31
N THR A 272 12.30 -7.53 18.86
CA THR A 272 11.37 -8.61 18.60
C THR A 272 10.23 -8.14 17.72
N TYR A 273 9.85 -8.95 16.73
CA TYR A 273 8.74 -8.54 15.88
C TYR A 273 8.14 -9.76 15.20
N ILE A 274 7.01 -9.54 14.52
CA ILE A 274 6.29 -10.62 13.88
C ILE A 274 6.26 -10.39 12.38
N LYS A 275 6.18 -11.48 11.66
CA LYS A 275 6.09 -11.48 10.19
C LYS A 275 4.96 -12.42 9.81
N ILE A 276 4.15 -12.02 8.84
CA ILE A 276 3.03 -12.87 8.43
C ILE A 276 2.94 -12.88 6.91
N ASP A 277 2.80 -14.08 6.36
CA ASP A 277 2.68 -14.34 4.92
C ASP A 277 1.29 -14.86 4.64
N VAL A 278 0.66 -14.37 3.57
CA VAL A 278 -0.59 -14.95 3.07
C VAL A 278 -0.25 -15.93 1.96
N ASP A 279 -0.84 -17.12 2.04
CA ASP A 279 -0.66 -18.16 1.02
C ASP A 279 -1.57 -17.81 -0.14
N TYR A 280 -1.04 -16.97 -1.04
CA TYR A 280 -1.83 -16.35 -2.11
C TYR A 280 -2.50 -17.37 -3.01
N HIS A 281 -1.77 -18.41 -3.43
CA HIS A 281 -2.32 -19.44 -4.31
C HIS A 281 -2.75 -20.69 -3.56
N GLY A 282 -2.54 -20.75 -2.25
CA GLY A 282 -2.92 -21.92 -1.50
C GLY A 282 -1.91 -23.05 -1.53
N LEU A 283 -0.70 -22.80 -2.05
CA LEU A 283 0.33 -23.82 -2.17
C LEU A 283 1.30 -23.83 -1.02
N VAL A 284 1.60 -22.66 -0.45
CA VAL A 284 2.72 -22.55 0.47
C VAL A 284 2.45 -23.31 1.77
N VAL A 285 1.25 -23.17 2.33
CA VAL A 285 0.98 -23.83 3.61
C VAL A 285 1.06 -25.34 3.50
N PRO A 286 0.42 -26.00 2.53
CA PRO A 286 0.60 -27.45 2.41
C PRO A 286 2.05 -27.84 2.22
N SER A 287 2.82 -27.04 1.46
CA SER A 287 4.24 -27.37 1.29
C SER A 287 4.98 -27.29 2.62
N PHE A 288 4.67 -26.28 3.43
CA PHE A 288 5.28 -26.16 4.73
C PHE A 288 5.03 -27.40 5.57
N PHE A 289 3.77 -27.82 5.66
CA PHE A 289 3.49 -28.99 6.49
C PHE A 289 4.14 -30.23 5.92
N HIS A 290 4.15 -30.37 4.61
CA HIS A 290 4.74 -31.56 4.00
C HIS A 290 6.23 -31.62 4.24
N MET A 291 6.94 -30.52 4.01
CA MET A 291 8.38 -30.49 4.25
C MET A 291 8.72 -30.83 5.70
N HIS A 292 7.81 -30.54 6.61
CA HIS A 292 8.03 -30.85 8.02
C HIS A 292 7.32 -32.13 8.45
N ASN A 293 6.83 -32.93 7.50
CA ASN A 293 6.24 -34.24 7.79
C ASN A 293 5.07 -34.14 8.75
N LEU A 294 4.37 -33.06 8.70
CA LEU A 294 3.18 -32.94 9.50
C LEU A 294 1.96 -33.09 8.61
N PRO A 295 0.82 -33.46 9.17
CA PRO A 295 -0.41 -33.44 8.38
C PRO A 295 -1.20 -32.17 8.66
N LEU A 296 -1.98 -31.70 7.70
CA LEU A 296 -2.82 -30.52 7.93
C LEU A 296 -4.10 -30.59 7.12
N THR B 2 -36.55 13.96 7.73
CA THR B 2 -35.46 14.87 8.05
C THR B 2 -34.52 15.02 6.87
N ILE B 3 -33.72 16.08 6.88
CA ILE B 3 -32.76 16.26 5.81
C ILE B 3 -31.73 15.14 5.83
N VAL B 4 -31.27 14.74 7.02
CA VAL B 4 -30.23 13.70 7.07
C VAL B 4 -30.77 12.38 6.52
N ASN B 5 -32.01 12.03 6.85
CA ASN B 5 -32.58 10.79 6.33
C ASN B 5 -32.74 10.84 4.81
N ARG B 6 -33.17 11.98 4.28
CA ARG B 6 -33.28 12.14 2.83
C ARG B 6 -31.91 12.04 2.15
N ILE B 7 -30.89 12.64 2.75
CA ILE B 7 -29.55 12.51 2.18
C ILE B 7 -29.12 11.04 2.16
N ARG B 8 -29.24 10.35 3.29
CA ARG B 8 -28.81 8.95 3.34
C ARG B 8 -29.57 8.10 2.34
N THR B 9 -30.88 8.35 2.23
CA THR B 9 -31.71 7.62 1.26
C THR B 9 -31.25 7.90 -0.17
N ASP B 10 -30.98 9.18 -0.48
CA ASP B 10 -30.55 9.56 -1.81
C ASP B 10 -29.22 8.91 -2.15
N VAL B 11 -28.28 8.95 -1.21
CA VAL B 11 -26.98 8.31 -1.42
C VAL B 11 -27.16 6.83 -1.76
N VAL B 12 -27.91 6.11 -0.92
CA VAL B 12 -28.13 4.69 -1.21
C VAL B 12 -28.82 4.51 -2.56
N ASN B 13 -29.78 5.39 -2.89
CA ASN B 13 -30.49 5.27 -4.16
C ASN B 13 -29.55 5.45 -5.33
N VAL B 14 -28.59 6.38 -5.21
CA VAL B 14 -27.62 6.57 -6.28
C VAL B 14 -26.74 5.34 -6.40
N ALA B 15 -26.22 4.87 -5.26
CA ALA B 15 -25.41 3.65 -5.29
C ALA B 15 -26.12 2.53 -6.03
N LYS B 16 -27.39 2.30 -5.71
CA LYS B 16 -28.09 1.17 -6.32
C LYS B 16 -28.38 1.44 -7.79
N SER B 17 -28.75 2.68 -8.14
CA SER B 17 -29.06 2.99 -9.52
C SER B 17 -27.84 2.83 -10.42
N PHE B 18 -26.67 3.18 -9.91
CA PHE B 18 -25.47 3.04 -10.73
C PHE B 18 -24.76 1.71 -10.50
N GLY B 19 -25.29 0.85 -9.64
CA GLY B 19 -24.59 -0.39 -9.36
C GLY B 19 -23.27 -0.21 -8.65
N ALA B 20 -23.11 0.92 -7.95
CA ALA B 20 -21.89 1.17 -7.19
C ALA B 20 -21.81 0.25 -5.97
N GLU B 21 -20.67 -0.42 -5.81
CA GLU B 21 -20.33 -1.10 -4.56
C GLU B 21 -20.52 -0.19 -3.37
N TYR B 22 -21.11 -0.72 -2.30
CA TYR B 22 -21.20 0.07 -1.06
C TYR B 22 -21.45 -0.84 0.13
N SER B 23 -21.15 -0.28 1.31
CA SER B 23 -21.29 -0.96 2.58
C SER B 23 -22.22 -0.16 3.45
N GLU B 24 -23.30 -0.81 3.89
CA GLU B 24 -24.22 -0.20 4.83
C GLU B 24 -23.51 0.16 6.13
N ALA B 25 -22.58 -0.69 6.59
CA ALA B 25 -21.84 -0.38 7.81
C ALA B 25 -20.94 0.84 7.63
N VAL B 26 -20.28 0.94 6.48
CA VAL B 26 -19.49 2.15 6.21
C VAL B 26 -20.39 3.38 6.17
N ILE B 27 -21.54 3.28 5.50
CA ILE B 27 -22.44 4.44 5.45
C ILE B 27 -22.86 4.81 6.87
N ASP B 28 -23.23 3.82 7.67
CA ASP B 28 -23.63 4.08 9.05
C ASP B 28 -22.54 4.82 9.80
N GLN B 29 -21.28 4.44 9.58
CA GLN B 29 -20.17 5.08 10.29
C GLN B 29 -19.98 6.52 9.84
N ILE B 30 -19.89 6.73 8.52
CA ILE B 30 -19.80 8.07 7.96
C ILE B 30 -20.90 8.95 8.53
N PHE B 31 -22.13 8.47 8.49
CA PHE B 31 -23.25 9.33 8.87
C PHE B 31 -23.26 9.60 10.37
N GLN B 32 -22.91 8.59 11.18
CA GLN B 32 -22.78 8.84 12.61
C GLN B 32 -21.82 10.00 12.88
N GLY B 33 -20.72 10.05 12.13
CA GLY B 33 -19.79 11.15 12.30
C GLY B 33 -20.18 12.46 11.65
N PHE B 34 -20.71 12.42 10.44
CA PHE B 34 -20.74 13.56 9.55
C PHE B 34 -22.12 13.91 9.00
N GLY B 35 -23.15 13.11 9.32
CA GLY B 35 -24.46 13.30 8.69
C GLY B 35 -25.02 14.69 8.88
N GLU B 36 -24.96 15.20 10.11
CA GLU B 36 -25.48 16.53 10.39
C GLU B 36 -24.74 17.59 9.57
N LYS B 37 -23.42 17.44 9.46
CA LYS B 37 -22.66 18.32 8.57
C LYS B 37 -23.17 18.24 7.14
N PHE B 38 -23.48 17.02 6.66
CA PHE B 38 -24.02 16.87 5.32
C PHE B 38 -25.28 17.69 5.13
N THR B 39 -26.11 17.77 6.18
CA THR B 39 -27.33 18.56 6.02
C THR B 39 -27.02 20.04 5.85
N ASN B 40 -25.95 20.53 6.51
CA ASN B 40 -25.81 21.97 6.73
C ASN B 40 -24.77 22.69 5.86
N THR B 41 -24.05 21.99 4.98
CA THR B 41 -22.81 22.54 4.43
C THR B 41 -22.76 22.26 2.93
N GLY B 42 -21.58 22.45 2.33
CA GLY B 42 -21.44 22.20 0.89
C GLY B 42 -21.29 20.73 0.54
N PHE B 43 -22.42 20.01 0.60
CA PHE B 43 -22.47 18.57 0.39
C PHE B 43 -22.65 18.27 -1.09
N ALA B 44 -22.00 17.21 -1.55
CA ALA B 44 -22.14 16.77 -2.92
C ALA B 44 -22.07 15.25 -2.97
N ILE B 45 -22.80 14.69 -3.93
CA ILE B 45 -22.71 13.27 -4.26
C ILE B 45 -21.96 13.16 -5.58
N ARG B 46 -20.99 12.25 -5.63
CA ARG B 46 -20.14 12.10 -6.78
C ARG B 46 -20.24 10.67 -7.28
N VAL B 47 -20.31 10.51 -8.61
CA VAL B 47 -20.02 9.23 -9.23
C VAL B 47 -18.83 9.40 -10.15
N GLN B 48 -18.09 8.32 -10.34
CA GLN B 48 -16.97 8.32 -11.26
C GLN B 48 -16.84 6.94 -11.90
N ASN B 49 -16.32 6.91 -13.11
CA ASN B 49 -16.04 5.63 -13.78
C ASN B 49 -14.54 5.29 -13.73
N LYS B 50 -13.96 5.33 -12.53
CA LYS B 50 -12.53 5.00 -12.37
C LYS B 50 -12.24 3.56 -12.77
N ARG B 51 -13.09 2.62 -12.33
CA ARG B 51 -12.93 1.20 -12.63
C ARG B 51 -13.60 0.86 -13.96
N ASN B 52 -12.99 -0.03 -14.73
CA ASN B 52 -13.55 -0.42 -16.01
C ASN B 52 -14.89 -1.13 -15.81
N GLN B 53 -15.92 -0.68 -16.53
CA GLN B 53 -17.26 -1.26 -16.45
C GLN B 53 -17.78 -1.25 -15.00
N LYS B 54 -17.48 -0.19 -14.26
CA LYS B 54 -17.93 -0.07 -12.88
C LYS B 54 -18.01 1.41 -12.53
N VAL B 55 -18.99 1.78 -11.72
CA VAL B 55 -19.12 3.14 -11.19
C VAL B 55 -18.81 3.11 -9.70
N ASP B 56 -18.05 4.09 -9.22
CA ASP B 56 -17.81 4.28 -7.80
C ASP B 56 -18.55 5.53 -7.32
N CYS B 57 -19.04 5.48 -6.09
CA CYS B 57 -19.80 6.58 -5.52
C CYS B 57 -19.07 7.10 -4.28
N ASN B 58 -18.93 8.42 -4.22
CA ASN B 58 -18.17 9.10 -3.19
C ASN B 58 -18.99 10.31 -2.73
N ILE B 59 -19.09 10.52 -1.43
CA ILE B 59 -19.85 11.66 -0.91
C ILE B 59 -18.91 12.59 -0.19
N ARG B 60 -19.19 13.89 -0.27
CA ARG B 60 -18.18 14.87 0.16
C ARG B 60 -18.87 16.11 0.70
N TYR B 61 -18.12 16.88 1.50
CA TYR B 61 -18.64 18.17 1.93
C TYR B 61 -17.48 19.12 2.20
N GLY B 62 -17.75 20.40 2.03
CA GLY B 62 -16.83 21.44 2.47
C GLY B 62 -17.56 22.45 3.31
N GLU B 63 -16.83 23.11 4.21
CA GLU B 63 -17.42 24.19 4.99
C GLU B 63 -16.37 25.19 5.40
N ALA B 64 -16.80 26.45 5.48
CA ALA B 64 -15.91 27.60 5.67
C ALA B 64 -15.61 27.77 7.15
N LYS B 65 -14.81 26.85 7.67
CA LYS B 65 -14.22 26.94 8.99
C LYS B 65 -12.71 26.90 8.84
N GLU B 66 -12.00 27.64 9.68
CA GLU B 66 -10.57 27.77 9.50
C GLU B 66 -9.78 26.64 10.14
N ASN B 67 -10.44 25.76 10.88
CA ASN B 67 -9.82 24.58 11.45
C ASN B 67 -10.39 23.33 10.80
N CYS B 68 -9.56 22.28 10.78
CA CYS B 68 -9.88 21.04 10.08
C CYS B 68 -10.77 20.19 10.97
N LEU B 69 -12.05 20.58 11.05
CA LEU B 69 -12.98 19.86 11.91
C LEU B 69 -13.11 18.40 11.50
N ALA B 70 -12.99 18.11 10.20
CA ALA B 70 -13.16 16.73 9.73
C ALA B 70 -12.11 15.80 10.31
N TRP B 71 -10.89 16.31 10.51
CA TRP B 71 -9.84 15.47 11.08
C TRP B 71 -10.21 15.02 12.49
N ASP B 72 -10.70 15.95 13.31
CA ASP B 72 -11.12 15.61 14.67
C ASP B 72 -12.28 14.61 14.65
N ILE B 73 -13.29 14.84 13.82
CA ILE B 73 -14.42 13.91 13.79
C ILE B 73 -13.98 12.53 13.33
N ALA B 74 -13.20 12.47 12.25
CA ALA B 74 -12.81 11.17 11.71
C ALA B 74 -11.94 10.41 12.70
N ARG B 75 -11.05 11.10 13.42
CA ARG B 75 -10.27 10.43 14.46
C ARG B 75 -11.21 9.88 15.53
N GLU B 76 -12.19 10.69 15.97
CA GLU B 76 -13.09 10.25 17.03
C GLU B 76 -13.84 8.99 16.64
N SER B 77 -14.43 8.97 15.46
CA SER B 77 -15.30 7.87 15.06
C SER B 77 -14.54 6.68 14.50
N GLY B 78 -13.23 6.60 14.69
CA GLY B 78 -12.48 5.51 14.09
C GLY B 78 -12.47 5.47 12.57
N LEU B 79 -12.93 6.52 11.90
CA LEU B 79 -12.81 6.61 10.46
C LEU B 79 -11.38 6.94 10.03
N LEU B 80 -10.55 7.45 10.95
CA LEU B 80 -9.17 7.80 10.65
C LEU B 80 -8.31 7.37 11.83
N SER B 81 -7.60 6.27 11.65
CA SER B 81 -6.61 5.84 12.61
C SER B 81 -5.24 6.01 11.97
N ASP B 82 -4.20 6.04 12.81
CA ASP B 82 -2.86 6.20 12.27
C ASP B 82 -2.52 5.01 11.39
N GLN B 83 -1.79 5.25 10.30
CA GLN B 83 -1.41 4.16 9.40
C GLN B 83 0.09 4.00 9.26
N GLY B 84 0.88 4.59 10.17
CA GLY B 84 2.34 4.57 10.08
C GLY B 84 2.89 4.99 8.73
N HIS B 85 2.66 6.23 8.32
CA HIS B 85 2.94 6.70 6.96
C HIS B 85 3.02 8.21 6.99
N PRO B 86 3.71 8.82 6.02
CA PRO B 86 3.77 10.31 6.01
C PRO B 86 2.40 11.00 5.98
N VAL B 87 1.30 10.32 5.60
CA VAL B 87 -0.01 10.97 5.60
C VAL B 87 -0.49 11.29 7.02
N ASP B 88 0.02 10.59 8.03
CA ASP B 88 -0.56 10.69 9.38
C ASP B 88 -0.57 12.12 9.89
N THR B 89 0.49 12.89 9.63
CA THR B 89 0.52 14.28 10.08
C THR B 89 0.33 15.28 8.95
N LEU B 90 0.15 14.83 7.71
CA LEU B 90 0.26 15.79 6.61
C LEU B 90 -0.78 16.91 6.70
N ILE B 91 -2.05 16.56 6.94
CA ILE B 91 -3.08 17.61 6.97
C ILE B 91 -2.81 18.58 8.11
N GLN B 92 -2.33 18.06 9.25
CA GLN B 92 -1.97 18.96 10.35
C GLN B 92 -0.92 19.95 9.90
N GLU B 93 0.14 19.44 9.25
CA GLU B 93 1.19 20.35 8.78
C GLU B 93 0.61 21.38 7.81
N MET B 94 -0.33 20.94 6.96
CA MET B 94 -0.93 21.87 6.01
C MET B 94 -1.63 23.00 6.73
N PHE B 95 -2.45 22.66 7.72
CA PHE B 95 -3.15 23.72 8.40
C PHE B 95 -2.20 24.54 9.26
N GLN B 96 -1.04 24.00 9.59
CA GLN B 96 -0.08 24.80 10.32
C GLN B 96 0.72 25.70 9.38
N ALA B 97 0.92 25.25 8.12
CA ALA B 97 1.80 25.98 7.23
C ALA B 97 1.08 27.13 6.54
N ILE B 98 -0.18 26.92 6.18
CA ILE B 98 -0.94 27.88 5.39
C ILE B 98 -2.28 28.11 6.08
N PRO B 99 -2.66 29.36 6.36
CA PRO B 99 -3.97 29.58 6.98
C PRO B 99 -5.08 29.16 6.02
N ALA B 100 -6.09 28.50 6.58
CA ALA B 100 -7.19 27.97 5.81
C ALA B 100 -8.44 28.83 6.01
N ILE B 101 -9.19 29.03 4.93
CA ILE B 101 -10.51 29.63 5.05
C ILE B 101 -11.62 28.58 5.01
N ALA B 102 -11.34 27.37 4.52
CA ALA B 102 -12.34 26.31 4.50
C ALA B 102 -11.64 24.98 4.64
N TYR B 103 -12.42 23.93 4.93
CA TYR B 103 -11.90 22.57 4.90
C TYR B 103 -12.97 21.67 4.29
N GLY B 104 -12.63 20.40 4.11
CA GLY B 104 -13.60 19.50 3.51
C GLY B 104 -13.13 18.07 3.69
N ALA B 105 -13.96 17.14 3.21
CA ALA B 105 -13.66 15.72 3.36
C ALA B 105 -14.50 14.96 2.36
N ASP B 106 -13.97 13.83 1.90
CA ASP B 106 -14.78 12.97 1.05
C ASP B 106 -14.60 11.51 1.47
N PHE B 107 -15.60 10.73 1.12
CA PHE B 107 -15.81 9.40 1.66
C PHE B 107 -16.20 8.48 0.51
N ASP B 108 -15.47 7.39 0.37
CA ASP B 108 -15.90 6.31 -0.52
C ASP B 108 -16.94 5.48 0.24
N ILE B 109 -18.13 5.30 -0.34
CA ILE B 109 -19.17 4.62 0.43
C ILE B 109 -18.96 3.12 0.50
N ASN B 110 -17.94 2.59 -0.19
CA ASN B 110 -17.54 1.21 0.05
C ASN B 110 -16.35 1.09 0.99
N TYR B 111 -15.89 2.19 1.60
CA TYR B 111 -14.61 2.16 2.30
C TYR B 111 -14.56 3.00 3.57
N GLY B 112 -14.91 4.28 3.49
CA GLY B 112 -14.75 5.18 4.61
C GLY B 112 -14.17 6.50 4.15
N LEU B 113 -13.54 7.22 5.08
CA LEU B 113 -12.87 8.47 4.73
C LEU B 113 -11.74 8.23 3.74
N VAL B 114 -11.69 9.05 2.70
CA VAL B 114 -10.66 8.96 1.67
C VAL B 114 -9.72 10.15 1.74
N LYS B 115 -10.24 11.37 1.53
CA LYS B 115 -9.40 12.55 1.55
C LYS B 115 -9.91 13.57 2.54
N ILE B 116 -9.01 14.39 3.05
CA ILE B 116 -9.37 15.61 3.76
C ILE B 116 -8.78 16.77 2.95
N TRP B 117 -9.51 17.89 2.92
CA TRP B 117 -9.15 19.05 2.11
C TRP B 117 -8.77 20.23 2.99
N HIS B 118 -7.82 21.01 2.48
CA HIS B 118 -7.36 22.25 3.06
C HIS B 118 -7.57 23.33 2.00
N LEU B 119 -8.32 24.38 2.34
CA LEU B 119 -8.63 25.46 1.40
C LEU B 119 -8.15 26.82 1.91
N PRO B 120 -7.05 27.32 1.42
CA PRO B 120 -6.61 28.66 1.78
C PRO B 120 -7.24 29.70 0.88
N LYS B 121 -7.03 30.98 1.15
CA LYS B 121 -7.13 31.96 0.08
C LYS B 121 -6.06 31.63 -0.95
N ILE B 122 -6.34 31.92 -2.23
CA ILE B 122 -5.37 31.61 -3.26
C ILE B 122 -4.01 32.14 -2.85
N VAL B 123 -2.98 31.31 -3.00
CA VAL B 123 -1.70 31.64 -2.40
C VAL B 123 -0.59 31.16 -3.33
N PRO B 124 0.56 31.84 -3.31
CA PRO B 124 1.66 31.41 -4.18
C PRO B 124 2.08 29.98 -3.84
N VAL B 125 2.30 29.18 -4.88
CA VAL B 125 2.56 27.75 -4.68
C VAL B 125 3.77 27.51 -3.78
N GLU B 126 4.70 28.47 -3.73
CA GLU B 126 5.89 28.33 -2.92
C GLU B 126 5.55 28.13 -1.45
N GLU B 127 4.43 28.68 -1.00
CA GLU B 127 4.04 28.48 0.39
C GLU B 127 3.84 27.01 0.73
N ALA B 128 3.62 26.17 -0.28
CA ALA B 128 3.45 24.75 -0.02
C ALA B 128 4.78 24.05 0.28
N PHE B 129 5.89 24.56 -0.26
CA PHE B 129 7.15 23.81 -0.21
C PHE B 129 7.68 23.62 1.21
N LYS B 130 7.20 24.40 2.18
CA LYS B 130 7.70 24.29 3.54
C LYS B 130 7.09 23.13 4.30
N ILE B 131 6.03 22.51 3.77
CA ILE B 131 5.33 21.45 4.48
C ILE B 131 6.23 20.21 4.58
N PRO B 132 6.58 19.79 5.80
CA PRO B 132 7.63 18.77 5.96
C PRO B 132 7.33 17.41 5.35
N SER B 133 6.12 16.87 5.52
CA SER B 133 5.86 15.52 5.08
C SER B 133 5.39 15.45 3.63
N LEU B 134 5.52 16.53 2.87
CA LEU B 134 5.15 16.47 1.47
C LEU B 134 6.09 15.51 0.75
N PRO B 135 5.59 14.73 -0.22
CA PRO B 135 6.50 13.88 -1.00
C PRO B 135 7.53 14.72 -1.74
N LYS B 136 8.73 14.15 -1.85
CA LYS B 136 9.86 14.81 -2.48
C LYS B 136 9.55 15.29 -3.89
N SER B 137 8.71 14.54 -4.61
CA SER B 137 8.40 14.89 -5.99
C SER B 137 7.80 16.29 -6.11
N VAL B 138 7.10 16.75 -5.06
CA VAL B 138 6.45 18.06 -5.14
C VAL B 138 7.48 19.16 -5.37
N ASN B 139 8.43 19.29 -4.45
CA ASN B 139 9.49 20.28 -4.66
C ASN B 139 10.34 19.94 -5.88
N ALA B 140 10.46 18.65 -6.21
CA ALA B 140 11.16 18.34 -7.43
C ALA B 140 10.48 18.92 -8.66
N HIS B 141 9.20 19.29 -8.56
CA HIS B 141 8.46 19.77 -9.73
C HIS B 141 8.30 21.29 -9.78
N ILE B 142 9.21 22.05 -9.17
CA ILE B 142 9.12 23.51 -9.22
C ILE B 142 9.13 24.00 -10.67
N ASP B 143 10.12 23.56 -11.47
CA ASP B 143 10.22 24.04 -12.85
C ASP B 143 8.98 23.67 -13.66
N PHE B 144 8.43 22.48 -13.40
CA PHE B 144 7.15 22.09 -14.00
C PHE B 144 6.06 23.08 -13.66
N PHE B 145 5.89 23.40 -12.38
CA PHE B 145 4.85 24.34 -11.97
C PHE B 145 5.02 25.68 -12.68
N LYS B 146 6.24 26.22 -12.67
CA LYS B 146 6.50 27.49 -13.33
C LYS B 146 6.15 27.40 -14.82
N LYS B 147 6.63 26.36 -15.50
CA LYS B 147 6.44 26.23 -16.93
C LYS B 147 4.97 26.22 -17.32
N TYR B 148 4.13 25.53 -16.53
CA TYR B 148 2.73 25.39 -16.87
C TYR B 148 1.84 26.39 -16.13
N HIS B 149 2.42 27.46 -15.57
CA HIS B 149 1.66 28.55 -14.97
C HIS B 149 0.78 28.01 -13.83
N LEU B 150 1.37 27.12 -13.05
CA LEU B 150 0.75 26.59 -11.84
C LEU B 150 1.34 27.30 -10.63
N ASP B 151 0.97 28.58 -10.49
CA ASP B 151 1.51 29.42 -9.44
C ASP B 151 0.50 29.81 -8.39
N ALA B 152 -0.78 29.67 -8.68
CA ALA B 152 -1.84 30.16 -7.80
C ALA B 152 -2.51 28.97 -7.12
N LEU B 153 -2.02 28.61 -5.94
CA LEU B 153 -2.49 27.43 -5.22
C LEU B 153 -3.82 27.73 -4.54
N CYS B 154 -4.85 26.94 -4.85
CA CYS B 154 -6.18 27.16 -4.31
C CYS B 154 -6.69 26.02 -3.44
N ALA B 155 -5.99 24.88 -3.40
CA ALA B 155 -6.38 23.89 -2.40
C ALA B 155 -5.27 22.85 -2.27
N LEU B 156 -5.33 22.07 -1.19
CA LEU B 156 -4.47 20.92 -0.98
C LEU B 156 -5.31 19.80 -0.40
N THR B 157 -5.06 18.57 -0.83
CA THR B 157 -5.76 17.45 -0.21
C THR B 157 -4.77 16.35 0.17
N VAL B 158 -5.15 15.60 1.20
CA VAL B 158 -4.46 14.40 1.65
C VAL B 158 -5.40 13.21 1.37
N ASP B 159 -4.89 12.22 0.65
CA ASP B 159 -5.66 11.01 0.35
C ASP B 159 -5.05 9.88 1.15
N TYR B 160 -5.75 9.51 2.24
CA TYR B 160 -5.27 8.49 3.18
C TYR B 160 -5.33 7.08 2.61
N ARG B 161 -6.34 6.77 1.79
CA ARG B 161 -6.43 5.43 1.20
CA ARG B 161 -6.44 5.44 1.19
C ARG B 161 -5.41 5.26 0.08
N ASN B 162 -5.29 6.25 -0.79
CA ASN B 162 -4.37 6.10 -1.92
C ASN B 162 -2.93 6.44 -1.54
N LYS B 163 -2.71 6.99 -0.35
CA LYS B 163 -1.39 7.47 0.07
C LYS B 163 -0.84 8.44 -0.97
N SER B 164 -1.60 9.52 -1.19
CA SER B 164 -1.18 10.51 -2.18
C SER B 164 -1.64 11.88 -1.72
N THR B 165 -1.16 12.92 -2.39
CA THR B 165 -1.56 14.28 -2.04
C THR B 165 -1.75 15.09 -3.31
N ASN B 166 -2.77 15.96 -3.32
CA ASN B 166 -3.08 16.77 -4.48
C ASN B 166 -2.78 18.24 -4.18
N LEU B 167 -2.17 18.92 -5.15
CA LEU B 167 -2.12 20.37 -5.15
C LEU B 167 -3.11 20.86 -6.19
N TYR B 168 -3.94 21.84 -5.83
CA TYR B 168 -4.94 22.38 -6.74
C TYR B 168 -4.62 23.84 -7.06
N PHE B 169 -4.72 24.19 -8.34
CA PHE B 169 -4.36 25.51 -8.86
C PHE B 169 -5.52 26.17 -9.57
N ASP B 170 -5.57 27.50 -9.42
CA ASP B 170 -6.48 28.36 -10.19
C ASP B 170 -5.92 28.57 -11.58
N ALA B 171 -6.64 28.11 -12.60
CA ALA B 171 -6.11 28.15 -13.96
C ALA B 171 -6.40 29.53 -14.58
N HIS B 172 -5.72 30.54 -14.06
CA HIS B 172 -5.98 31.94 -14.42
C HIS B 172 -5.23 32.44 -15.66
N HIS B 173 -4.24 31.70 -16.14
CA HIS B 173 -3.31 32.25 -17.11
C HIS B 173 -3.86 32.15 -18.53
N PRO B 174 -3.58 33.15 -19.38
CA PRO B 174 -4.12 33.11 -20.76
C PRO B 174 -3.68 31.89 -21.56
N GLU B 175 -2.50 31.33 -21.28
CA GLU B 175 -2.10 30.11 -21.96
C GLU B 175 -3.06 28.97 -21.66
N GLN B 176 -3.59 28.94 -20.44
CA GLN B 176 -4.55 27.91 -20.04
C GLN B 176 -5.90 28.06 -20.73
N ARG B 177 -6.09 29.10 -21.57
CA ARG B 177 -7.27 29.19 -22.42
C ARG B 177 -7.05 28.59 -23.82
N THR B 178 -5.89 28.01 -24.08
CA THR B 178 -5.58 27.37 -25.35
C THR B 178 -5.60 25.84 -25.20
N THR B 179 -6.11 25.14 -26.22
CA THR B 179 -6.04 23.68 -26.24
C THR B 179 -4.60 23.18 -26.27
N GLN B 180 -3.70 23.96 -26.84
CA GLN B 180 -2.30 23.53 -26.89
C GLN B 180 -1.72 23.35 -25.48
N PHE B 181 -2.18 24.16 -24.52
CA PHE B 181 -1.65 24.04 -23.17
C PHE B 181 -1.92 22.64 -22.61
N TYR B 182 -3.16 22.16 -22.76
CA TYR B 182 -3.53 20.87 -22.21
C TYR B 182 -2.89 19.73 -22.99
N LYS B 183 -2.81 19.86 -24.32
CA LYS B 183 -2.03 18.90 -25.10
C LYS B 183 -0.62 18.77 -24.54
N ASN B 184 0.04 19.91 -24.32
CA ASN B 184 1.43 19.91 -23.87
C ASN B 184 1.55 19.32 -22.47
N ILE B 185 0.73 19.79 -21.53
CA ILE B 185 0.91 19.34 -20.15
C ILE B 185 0.64 17.85 -20.04
N LEU B 186 -0.35 17.35 -20.78
CA LEU B 186 -0.59 15.91 -20.78
C LEU B 186 0.58 15.17 -21.41
N GLN B 187 1.06 15.66 -22.55
CA GLN B 187 2.15 14.97 -23.23
C GLN B 187 3.42 14.99 -22.39
N SER B 188 3.59 16.00 -21.54
CA SER B 188 4.79 16.09 -20.73
C SER B 188 4.87 14.98 -19.69
N GLN B 189 3.75 14.33 -19.37
CA GLN B 189 3.72 13.19 -18.46
C GLN B 189 3.48 11.88 -19.18
N GLN B 190 3.43 11.88 -20.51
CA GLN B 190 3.07 10.69 -21.28
C GLN B 190 1.65 10.24 -20.94
N PHE B 191 0.75 11.20 -20.73
CA PHE B 191 -0.65 10.92 -20.52
C PHE B 191 -1.39 11.03 -21.85
N GLU B 192 -2.41 10.19 -22.02
CA GLU B 192 -3.16 10.14 -23.28
C GLU B 192 -3.89 11.46 -23.55
N VAL B 193 -3.64 12.06 -24.70
CA VAL B 193 -4.31 13.31 -25.05
C VAL B 193 -5.75 13.02 -25.48
N PRO B 194 -6.74 13.65 -24.87
CA PRO B 194 -8.14 13.34 -25.22
C PRO B 194 -8.57 13.91 -26.56
N SER B 195 -9.83 13.69 -26.93
CA SER B 195 -10.39 14.18 -28.18
C SER B 195 -10.38 15.71 -28.23
N ASP B 196 -10.53 16.24 -29.44
CA ASP B 196 -10.58 17.68 -29.62
C ASP B 196 -11.80 18.27 -28.89
N GLU B 197 -12.93 17.58 -28.96
CA GLU B 197 -14.11 17.97 -28.19
C GLU B 197 -13.74 18.24 -26.73
N VAL B 198 -13.14 17.24 -26.09
CA VAL B 198 -12.76 17.36 -24.68
C VAL B 198 -11.78 18.51 -24.49
N LEU B 199 -10.77 18.63 -25.35
CA LEU B 199 -9.82 19.74 -25.22
C LEU B 199 -10.54 21.09 -25.21
N GLU B 200 -11.51 21.26 -26.12
CA GLU B 200 -12.31 22.48 -26.15
C GLU B 200 -13.12 22.66 -24.89
N ILE B 201 -13.42 21.57 -24.16
CA ILE B 201 -14.00 21.74 -22.83
C ILE B 201 -12.94 22.13 -21.80
N LEU B 202 -11.74 21.58 -21.93
CA LEU B 202 -10.71 21.83 -20.93
C LEU B 202 -10.27 23.28 -20.93
N VAL B 203 -10.36 23.98 -22.07
CA VAL B 203 -9.91 25.38 -22.06
C VAL B 203 -10.69 26.26 -21.08
N ASN B 204 -11.90 25.84 -20.67
CA ASN B 204 -12.67 26.60 -19.69
C ASN B 204 -12.49 26.12 -18.26
N CYS B 205 -11.63 25.13 -18.04
CA CYS B 205 -11.45 24.57 -16.71
C CYS B 205 -10.81 25.61 -15.79
N PRO B 206 -11.43 25.96 -14.67
CA PRO B 206 -10.82 26.93 -13.75
C PRO B 206 -9.86 26.30 -12.76
N GLU B 207 -9.83 24.97 -12.64
CA GLU B 207 -9.09 24.31 -11.57
C GLU B 207 -8.34 23.09 -12.09
N ILE B 208 -7.06 22.99 -11.73
CA ILE B 208 -6.18 21.90 -12.17
C ILE B 208 -5.59 21.24 -10.95
N ALA B 209 -5.79 19.94 -10.81
CA ALA B 209 -5.30 19.15 -9.67
C ALA B 209 -4.13 18.30 -10.14
N VAL B 210 -3.05 18.30 -9.38
CA VAL B 210 -1.87 17.52 -9.72
C VAL B 210 -1.56 16.61 -8.53
N THR B 211 -1.52 15.29 -8.78
CA THR B 211 -1.37 14.28 -7.73
C THR B 211 0.07 13.83 -7.61
N PHE B 212 0.59 13.81 -6.39
CA PHE B 212 1.92 13.31 -6.07
C PHE B 212 1.83 12.21 -5.02
N ASN B 213 2.86 11.37 -4.94
CA ASN B 213 2.83 10.28 -3.96
C ASN B 213 4.25 9.98 -3.48
N TRP B 214 4.36 8.94 -2.65
CA TRP B 214 5.60 8.63 -1.96
C TRP B 214 6.28 7.41 -2.53
N SER B 215 5.84 6.93 -3.68
CA SER B 215 6.41 5.73 -4.28
C SER B 215 7.09 6.00 -5.61
N SER B 216 7.09 7.23 -6.10
CA SER B 216 7.61 7.52 -7.42
C SER B 216 8.02 9.00 -7.48
N PRO B 217 8.92 9.35 -8.38
CA PRO B 217 9.28 10.76 -8.52
C PRO B 217 8.31 11.56 -9.38
N GLY B 218 7.38 10.89 -10.08
CA GLY B 218 6.61 11.52 -11.12
C GLY B 218 5.19 11.86 -10.67
N ILE B 219 4.51 12.62 -11.54
CA ILE B 219 3.13 12.99 -11.28
C ILE B 219 2.25 11.76 -11.48
N GLU B 220 1.39 11.47 -10.50
CA GLU B 220 0.56 10.27 -10.59
C GLU B 220 -0.63 10.47 -11.52
N ARG B 221 -1.15 11.70 -11.58
CA ARG B 221 -2.43 11.95 -12.22
C ARG B 221 -2.62 13.46 -12.27
N MET B 222 -3.40 13.92 -13.25
CA MET B 222 -3.83 15.30 -13.27
C MET B 222 -5.32 15.34 -13.58
N CYS B 223 -6.03 16.27 -12.96
CA CYS B 223 -7.46 16.36 -13.17
C CYS B 223 -7.82 17.80 -13.47
N PHE B 224 -8.70 18.00 -14.44
CA PHE B 224 -9.16 19.32 -14.84
C PHE B 224 -10.64 19.43 -14.53
N TYR B 225 -11.02 20.42 -13.73
CA TYR B 225 -12.41 20.54 -13.28
C TYR B 225 -13.13 21.65 -14.02
N THR B 226 -14.41 21.40 -14.28
CA THR B 226 -15.37 22.30 -14.92
C THR B 226 -16.62 22.36 -14.05
N ALA B 227 -17.38 23.45 -14.17
CA ALA B 227 -18.68 23.52 -13.53
C ALA B 227 -19.75 23.80 -14.57
N PHE B 228 -20.96 23.37 -14.28
CA PHE B 228 -22.12 23.59 -15.13
C PHE B 228 -23.28 24.01 -14.25
N VAL B 229 -24.03 25.02 -14.70
CA VAL B 229 -25.05 25.60 -13.82
C VAL B 229 -26.30 24.73 -13.70
N ASN B 230 -26.53 23.79 -14.61
CA ASN B 230 -27.72 22.95 -14.56
C ASN B 230 -27.46 21.66 -15.31
N ARG B 231 -28.43 20.73 -15.24
CA ARG B 231 -28.29 19.43 -15.89
C ARG B 231 -28.04 19.55 -17.39
N GLU B 232 -28.67 20.55 -18.03
CA GLU B 232 -28.66 20.61 -19.48
C GLU B 232 -27.26 20.90 -20.03
N THR B 233 -26.53 21.81 -19.38
CA THR B 233 -25.24 22.22 -19.89
C THR B 233 -24.11 21.23 -19.58
N VAL B 234 -24.39 20.19 -18.81
CA VAL B 234 -23.39 19.12 -18.71
C VAL B 234 -23.25 18.46 -20.08
N PRO B 235 -22.04 18.17 -20.55
CA PRO B 235 -21.89 17.49 -21.84
C PRO B 235 -22.27 16.02 -21.77
N GLN B 236 -23.58 15.78 -21.81
CA GLN B 236 -24.09 14.44 -21.59
C GLN B 236 -23.75 13.49 -22.72
N HIS B 237 -23.39 14.01 -23.89
CA HIS B 237 -23.07 13.18 -25.03
C HIS B 237 -21.69 12.57 -24.95
N ILE B 238 -20.81 13.11 -24.09
CA ILE B 238 -19.44 12.60 -24.06
C ILE B 238 -19.36 11.23 -23.39
N ASN B 239 -20.24 10.94 -22.43
CA ASN B 239 -20.09 9.70 -21.69
C ASN B 239 -21.41 9.29 -21.06
N PRO B 240 -21.76 8.00 -21.03
CA PRO B 240 -23.06 7.60 -20.47
C PRO B 240 -23.24 7.96 -19.01
N VAL B 241 -22.16 7.96 -18.22
CA VAL B 241 -22.29 8.28 -16.81
C VAL B 241 -22.62 9.74 -16.63
N LEU B 242 -22.03 10.59 -17.47
CA LEU B 242 -22.36 12.01 -17.45
C LEU B 242 -23.83 12.24 -17.75
N LYS B 243 -24.34 11.61 -18.81
CA LYS B 243 -25.75 11.76 -19.15
C LYS B 243 -26.64 11.27 -18.02
N LYS B 244 -26.43 10.03 -17.58
CA LYS B 244 -27.31 9.46 -16.57
C LYS B 244 -27.27 10.26 -15.27
N PHE B 245 -26.08 10.65 -14.82
CA PHE B 245 -26.01 11.38 -13.55
C PHE B 245 -26.61 12.76 -13.67
N ALA B 246 -26.23 13.51 -14.71
CA ALA B 246 -26.84 14.80 -14.98
C ALA B 246 -28.37 14.70 -14.94
N GLN B 247 -28.91 13.71 -15.63
CA GLN B 247 -30.37 13.61 -15.73
C GLN B 247 -31.03 13.13 -14.45
N GLU B 248 -30.36 12.26 -13.66
CA GLU B 248 -31.06 11.55 -12.60
C GLU B 248 -30.54 11.81 -11.19
N ALA B 249 -29.46 12.57 -11.02
CA ALA B 249 -28.90 12.79 -9.69
C ALA B 249 -29.90 13.52 -8.79
N PRO B 250 -30.00 13.12 -7.53
CA PRO B 250 -30.91 13.81 -6.60
C PRO B 250 -30.29 15.08 -6.04
N ALA B 251 -31.17 16.02 -5.70
CA ALA B 251 -30.76 17.25 -5.03
C ALA B 251 -31.98 17.85 -4.35
N LEU B 252 -31.74 18.81 -3.46
CA LEU B 252 -32.85 19.43 -2.73
C LEU B 252 -33.58 20.48 -3.54
N LEU B 253 -32.98 20.93 -4.63
CA LEU B 253 -33.63 21.80 -5.59
C LEU B 253 -33.82 21.04 -6.90
N ASP B 254 -34.60 21.63 -7.81
CA ASP B 254 -35.03 20.89 -8.99
C ASP B 254 -33.92 20.82 -10.04
N ASN B 255 -33.30 21.95 -10.37
CA ASN B 255 -32.23 21.94 -11.36
C ASN B 255 -30.89 22.31 -10.73
N PRO B 256 -30.22 21.34 -10.11
CA PRO B 256 -28.93 21.63 -9.49
C PRO B 256 -27.82 21.79 -10.52
N GLY B 257 -26.75 22.46 -10.10
CA GLY B 257 -25.54 22.49 -10.88
C GLY B 257 -24.71 21.22 -10.68
N PHE B 258 -23.69 21.08 -11.52
CA PHE B 258 -22.79 19.92 -11.45
C PHE B 258 -21.36 20.38 -11.62
N LEU B 259 -20.45 19.61 -11.04
CA LEU B 259 -19.02 19.78 -11.25
C LEU B 259 -18.49 18.53 -11.91
N VAL B 260 -17.74 18.70 -12.99
CA VAL B 260 -17.20 17.60 -13.75
C VAL B 260 -15.68 17.68 -13.71
N GLY B 261 -15.04 16.59 -13.32
CA GLY B 261 -13.59 16.47 -13.36
C GLY B 261 -13.20 15.49 -14.45
N TRP B 262 -12.18 15.87 -15.21
CA TRP B 262 -11.59 15.03 -16.25
C TRP B 262 -10.19 14.64 -15.77
N SER B 263 -10.03 13.37 -15.41
CA SER B 263 -8.79 12.88 -14.83
C SER B 263 -8.00 12.10 -15.87
N PHE B 264 -6.67 12.28 -15.85
CA PHE B 264 -5.76 11.69 -16.82
C PHE B 264 -4.55 11.14 -16.11
N GLY B 265 -4.18 9.91 -16.45
CA GLY B 265 -3.00 9.26 -15.92
C GLY B 265 -2.30 8.43 -16.99
N PRO B 266 -1.34 7.59 -16.57
CA PRO B 266 -0.68 6.71 -17.54
C PRO B 266 -1.66 5.75 -18.19
N ASP B 267 -1.45 5.49 -19.48
CA ASP B 267 -2.33 4.58 -20.22
C ASP B 267 -2.28 3.17 -19.65
N GLY B 271 -5.49 7.26 -13.60
CA GLY B 271 -6.23 6.74 -14.74
C GLY B 271 -6.95 7.84 -15.48
N THR B 272 -7.55 7.47 -16.61
CA THR B 272 -8.21 8.42 -17.53
C THR B 272 -9.71 8.21 -17.46
N TYR B 273 -10.40 9.05 -16.68
CA TYR B 273 -11.80 8.81 -16.39
C TYR B 273 -12.48 10.12 -16.03
N ILE B 274 -13.78 10.02 -15.74
CA ILE B 274 -14.69 11.14 -15.52
C ILE B 274 -15.21 11.09 -14.09
N LYS B 275 -15.36 12.25 -13.47
CA LYS B 275 -15.96 12.40 -12.16
C LYS B 275 -17.03 13.46 -12.23
N ILE B 276 -18.17 13.21 -11.60
CA ILE B 276 -19.25 14.19 -11.62
C ILE B 276 -19.91 14.27 -10.25
N ASP B 277 -20.06 15.51 -9.77
CA ASP B 277 -20.65 15.88 -8.49
C ASP B 277 -21.96 16.62 -8.74
N VAL B 278 -23.02 16.23 -8.04
CA VAL B 278 -24.24 17.04 -8.01
C VAL B 278 -24.18 18.00 -6.83
N ASP B 279 -24.57 19.24 -7.09
CA ASP B 279 -24.57 20.29 -6.08
C ASP B 279 -25.87 20.16 -5.30
N TYR B 280 -25.83 19.30 -4.29
CA TYR B 280 -27.04 18.81 -3.63
C TYR B 280 -27.85 19.93 -3.00
N HIS B 281 -27.17 20.89 -2.37
CA HIS B 281 -27.83 22.04 -1.75
C HIS B 281 -27.74 23.31 -2.58
N GLY B 282 -26.96 23.32 -3.65
CA GLY B 282 -26.83 24.47 -4.51
C GLY B 282 -25.79 25.47 -4.08
N LEU B 283 -24.92 25.12 -3.13
CA LEU B 283 -23.88 26.02 -2.65
C LEU B 283 -22.54 25.78 -3.32
N VAL B 284 -22.28 24.56 -3.78
CA VAL B 284 -20.93 24.21 -4.20
C VAL B 284 -20.55 24.96 -5.47
N VAL B 285 -21.45 24.99 -6.45
CA VAL B 285 -21.11 25.59 -7.73
C VAL B 285 -20.85 27.09 -7.60
N PRO B 286 -21.73 27.85 -6.94
CA PRO B 286 -21.40 29.26 -6.70
C PRO B 286 -20.07 29.43 -5.98
N SER B 287 -19.77 28.57 -5.00
CA SER B 287 -18.49 28.69 -4.29
C SER B 287 -17.31 28.39 -5.20
N PHE B 288 -17.45 27.40 -6.08
CA PHE B 288 -16.43 27.14 -7.08
C PHE B 288 -16.17 28.35 -7.96
N PHE B 289 -17.23 28.98 -8.47
CA PHE B 289 -17.01 30.11 -9.37
C PHE B 289 -16.41 31.30 -8.63
N HIS B 290 -16.89 31.56 -7.41
CA HIS B 290 -16.36 32.62 -6.56
C HIS B 290 -14.89 32.41 -6.24
N MET B 291 -14.53 31.18 -5.85
CA MET B 291 -13.14 30.93 -5.48
C MET B 291 -12.21 31.15 -6.64
N HIS B 292 -12.69 30.97 -7.87
CA HIS B 292 -11.89 31.23 -9.05
C HIS B 292 -12.21 32.58 -9.71
N ASN B 293 -12.84 33.49 -8.96
CA ASN B 293 -13.05 34.87 -9.43
C ASN B 293 -13.74 34.90 -10.79
N LEU B 294 -14.66 33.98 -11.00
CA LEU B 294 -15.47 33.95 -12.21
C LEU B 294 -16.91 34.30 -11.87
N PRO B 295 -17.67 34.79 -12.82
CA PRO B 295 -19.11 35.03 -12.58
C PRO B 295 -19.95 33.83 -12.96
N LEU B 296 -21.12 33.75 -12.33
CA LEU B 296 -22.03 32.61 -12.53
C LEU B 296 -22.68 32.64 -13.91
#